data_3AIX
#
_entry.id   3AIX
#
_cell.length_a   91.100
_cell.length_b   111.800
_cell.length_c   170.900
_cell.angle_alpha   90.000
_cell.angle_beta   90.000
_cell.angle_gamma   90.000
#
_symmetry.space_group_name_H-M   'I 2 2 2'
#
loop_
_entity.id
_entity.type
_entity.pdbx_description
1 polymer 'DNA polymerase sliding clamp C'
2 polymer 'DNA polymerase sliding clamp B'
3 non-polymer 'SULFATE ION'
4 water water
#
loop_
_entity_poly.entity_id
_entity_poly.type
_entity_poly.pdbx_seq_one_letter_code
_entity_poly.pdbx_strand_id
1 'polypeptide(L)'
;MRVKVIDADAFSYIFRTLEEFIDEITLDFTSDGLKIRGIDPSRVTFIDILIPAGYFEEYNVEKEEKVGVKLEDFTDVLKT
VTKNDSLYLETDENQNIKVTLDGVYERTFTFPSIVASEIETPNLNLEFPFKAKALTVTFTDIIDEIEDIGGDSITFKAEG
GKLYLSANSDMGSSTIELSTENGGLLESEGGDAESVYGLEYVVNTSKMRKPSDTVEIAFGSQIPLKLRYNLPQGGYADFY
IAPRAE
;
A
2 'polypeptide(L)'
;MIKATYSSAKDFYSLLSGLLKVTDEIILNFTEDSIFSRYLTDDKVLMVIFKIPKEYLEDYTIDKPLGIKININDLKKILG
KAKSKSATVTLEETEAGLKVTVRDEKTGTRSNIYIKGEKTSIDQLTEPKVNLSVTFTTDGDVLKDIARDLSLVGEEVEIS
ADENTVTLSTEEAGRTYKSLLKQDKPLKSLNVESPSKAVYSIEVLKDVFKVTSISQNVTVGFGNNIPMKIEVPTDSGGQL
IFWIAPRL
;
B
#
loop_
_chem_comp.id
_chem_comp.type
_chem_comp.name
_chem_comp.formula
SO4 non-polymer 'SULFATE ION' 'O4 S -2'
#
# COMPACT_ATOMS: atom_id res chain seq x y z
N MET A 1 1.11 24.07 12.68
CA MET A 1 0.87 23.38 13.93
C MET A 1 1.49 21.99 13.90
N ARG A 2 1.45 21.29 15.03
CA ARG A 2 1.88 19.91 15.08
C ARG A 2 0.85 19.03 15.79
N VAL A 3 0.38 18.00 15.08
CA VAL A 3 -0.68 17.13 15.57
C VAL A 3 -0.30 15.68 15.36
N LYS A 4 -0.67 14.83 16.31
CA LYS A 4 -0.33 13.41 16.22
C LYS A 4 -1.49 12.48 16.56
N VAL A 5 -1.68 11.46 15.72
CA VAL A 5 -2.73 10.46 15.92
C VAL A 5 -2.12 9.08 16.06
N ILE A 6 -2.49 8.37 17.11
CA ILE A 6 -1.93 7.04 17.37
C ILE A 6 -2.59 5.97 16.50
N ASP A 7 -3.91 5.94 16.48
CA ASP A 7 -4.64 5.01 15.63
C ASP A 7 -4.89 5.63 14.26
N ALA A 8 -3.83 5.72 13.46
CA ALA A 8 -3.91 6.33 12.14
C ALA A 8 -4.83 5.53 11.22
N ASP A 9 -4.88 4.22 11.41
CA ASP A 9 -5.70 3.35 10.56
C ASP A 9 -7.15 3.80 10.56
N ALA A 10 -7.70 4.00 11.75
CA ALA A 10 -9.08 4.44 11.89
C ALA A 10 -9.23 5.89 11.45
N PHE A 11 -8.24 6.71 11.79
CA PHE A 11 -8.26 8.13 11.44
C PHE A 11 -8.36 8.34 9.93
N SER A 12 -7.76 7.45 9.16
CA SER A 12 -7.72 7.59 7.71
C SER A 12 -9.09 7.42 7.07
N TYR A 13 -9.90 6.52 7.63
CA TYR A 13 -11.21 6.22 7.06
C TYR A 13 -12.19 7.39 7.06
N ILE A 14 -11.90 8.40 7.90
CA ILE A 14 -12.71 9.61 7.91
C ILE A 14 -12.56 10.35 6.59
N PHE A 15 -11.32 10.37 6.09
CA PHE A 15 -11.02 11.08 4.85
C PHE A 15 -11.37 10.25 3.63
N ARG A 16 -11.36 8.92 3.78
CA ARG A 16 -11.78 8.04 2.72
C ARG A 16 -13.29 8.17 2.53
N THR A 17 -13.99 8.50 3.60
CA THR A 17 -15.42 8.76 3.54
C THR A 17 -15.66 10.08 2.83
N LEU A 18 -15.00 11.13 3.31
CA LEU A 18 -15.12 12.46 2.72
C LEU A 18 -14.88 12.42 1.21
N GLU A 19 -13.92 11.60 0.78
CA GLU A 19 -13.57 11.51 -0.62
C GLU A 19 -14.74 11.07 -1.49
N GLU A 20 -15.76 10.50 -0.85
CA GLU A 20 -16.96 10.07 -1.55
C GLU A 20 -17.87 11.25 -1.87
N PHE A 21 -17.66 12.36 -1.19
CA PHE A 21 -18.52 13.53 -1.31
C PHE A 21 -17.82 14.72 -1.94
N ILE A 22 -16.57 14.96 -1.54
CA ILE A 22 -15.85 16.14 -2.00
C ILE A 22 -14.46 15.78 -2.55
N ASP A 23 -13.82 16.76 -3.18
CA ASP A 23 -12.50 16.57 -3.77
C ASP A 23 -11.43 17.37 -3.04
N GLU A 24 -11.80 18.56 -2.57
CA GLU A 24 -10.89 19.41 -1.83
C GLU A 24 -11.46 19.69 -0.45
N ILE A 25 -10.69 19.44 0.59
CA ILE A 25 -11.14 19.74 1.94
C ILE A 25 -10.28 20.83 2.57
N THR A 26 -10.82 21.48 3.60
CA THR A 26 -10.09 22.53 4.30
C THR A 26 -9.91 22.17 5.77
N LEU A 27 -8.72 21.68 6.10
CA LEU A 27 -8.41 21.35 7.48
C LEU A 27 -8.35 22.64 8.31
N ASP A 28 -9.35 22.86 9.15
CA ASP A 28 -9.40 24.05 9.99
C ASP A 28 -8.96 23.73 11.41
N PHE A 29 -7.67 23.89 11.69
CA PHE A 29 -7.14 23.62 13.02
C PHE A 29 -7.43 24.78 13.97
N THR A 30 -8.26 24.53 14.97
CA THR A 30 -8.59 25.53 15.97
C THR A 30 -8.03 25.11 17.32
N SER A 31 -8.11 26.00 18.29
CA SER A 31 -7.62 25.70 19.64
C SER A 31 -8.43 24.58 20.28
N ASP A 32 -9.66 24.42 19.82
CA ASP A 32 -10.56 23.41 20.38
C ASP A 32 -10.41 22.06 19.70
N GLY A 33 -9.88 22.07 18.47
CA GLY A 33 -9.69 20.85 17.73
C GLY A 33 -9.79 21.04 16.23
N LEU A 34 -9.67 19.94 15.49
CA LEU A 34 -9.73 19.99 14.04
C LEU A 34 -11.17 20.08 13.54
N LYS A 35 -11.46 21.13 12.78
CA LYS A 35 -12.78 21.28 12.17
C LYS A 35 -12.68 21.04 10.66
N ILE A 36 -13.52 20.16 10.15
CA ILE A 36 -13.56 19.90 8.71
C ILE A 36 -15.01 20.00 8.22
N ARG A 37 -15.20 20.77 7.16
CA ARG A 37 -16.54 21.09 6.70
C ARG A 37 -16.59 21.13 5.18
N GLY A 38 -17.59 20.49 4.60
CA GLY A 38 -17.70 20.43 3.15
C GLY A 38 -19.11 20.18 2.64
N ILE A 39 -19.24 20.18 1.31
CA ILE A 39 -20.53 19.97 0.66
C ILE A 39 -20.32 19.39 -0.74
N ASP A 40 -21.10 18.36 -1.07
CA ASP A 40 -20.99 17.72 -2.38
C ASP A 40 -21.56 18.62 -3.47
N PRO A 41 -21.07 18.45 -4.71
CA PRO A 41 -21.44 19.28 -5.86
C PRO A 41 -22.95 19.45 -6.04
N SER A 42 -23.72 18.44 -5.69
CA SER A 42 -25.18 18.49 -5.84
C SER A 42 -25.86 19.22 -4.69
N ARG A 43 -25.06 19.71 -3.74
CA ARG A 43 -25.57 20.38 -2.55
C ARG A 43 -26.61 19.55 -1.80
N VAL A 44 -26.56 18.23 -2.01
CA VAL A 44 -27.47 17.32 -1.33
C VAL A 44 -26.95 16.97 0.06
N THR A 45 -25.63 16.81 0.17
CA THR A 45 -25.01 16.43 1.42
C THR A 45 -24.15 17.54 2.01
N PHE A 46 -24.39 17.85 3.27
CA PHE A 46 -23.55 18.78 4.02
C PHE A 46 -22.84 18.03 5.13
N ILE A 47 -21.54 18.26 5.26
CA ILE A 47 -20.74 17.54 6.25
C ILE A 47 -20.13 18.49 7.27
N ASP A 48 -20.24 18.13 8.54
CA ASP A 48 -19.65 18.92 9.61
C ASP A 48 -18.90 18.00 10.57
N ILE A 49 -17.59 18.17 10.65
CA ILE A 49 -16.75 17.29 11.45
C ILE A 49 -16.01 18.04 12.55
N LEU A 50 -16.07 17.50 13.76
CA LEU A 50 -15.30 18.04 14.87
C LEU A 50 -14.45 16.95 15.51
N ILE A 51 -13.14 17.13 15.45
CA ILE A 51 -12.22 16.21 16.11
C ILE A 51 -11.49 16.96 17.22
N PRO A 52 -12.00 16.85 18.45
CA PRO A 52 -11.48 17.57 19.61
C PRO A 52 -9.98 17.35 19.80
N ALA A 53 -9.32 18.30 20.45
CA ALA A 53 -7.90 18.19 20.73
C ALA A 53 -7.61 16.93 21.53
N GLY A 54 -8.55 16.54 22.38
CA GLY A 54 -8.38 15.38 23.23
C GLY A 54 -8.29 14.07 22.46
N TYR A 55 -8.80 14.08 21.24
CA TYR A 55 -8.75 12.91 20.38
C TYR A 55 -7.30 12.62 19.96
N PHE A 56 -6.53 13.69 19.79
CA PHE A 56 -5.14 13.57 19.35
C PHE A 56 -4.21 13.32 20.53
N GLU A 57 -3.17 12.51 20.29
CA GLU A 57 -2.15 12.27 21.29
C GLU A 57 -1.38 13.55 21.58
N GLU A 58 -1.14 14.32 20.53
CA GLU A 58 -0.43 15.59 20.66
C GLU A 58 -1.13 16.67 19.83
N TYR A 59 -1.63 17.70 20.51
CA TYR A 59 -2.32 18.78 19.82
C TYR A 59 -1.67 20.13 20.14
N ASN A 60 -0.87 20.62 19.21
CA ASN A 60 -0.21 21.91 19.38
C ASN A 60 -0.68 22.93 18.35
N VAL A 61 -1.72 23.68 18.70
CA VAL A 61 -2.23 24.73 17.83
C VAL A 61 -2.28 26.06 18.56
N GLU A 62 -1.35 26.95 18.21
CA GLU A 62 -1.28 28.27 18.85
C GLU A 62 -2.39 29.17 18.34
N LYS A 63 -2.37 29.46 17.05
CA LYS A 63 -3.39 30.29 16.42
C LYS A 63 -4.14 29.46 15.38
N GLU A 64 -5.39 29.82 15.13
CA GLU A 64 -6.19 29.10 14.14
C GLU A 64 -5.47 29.05 12.81
N GLU A 65 -5.48 27.88 12.17
CA GLU A 65 -4.75 27.70 10.92
C GLU A 65 -5.53 26.81 9.95
N LYS A 66 -5.81 27.34 8.77
CA LYS A 66 -6.55 26.60 7.75
C LYS A 66 -5.62 26.08 6.66
N VAL A 67 -5.81 24.82 6.28
CA VAL A 67 -4.98 24.19 5.26
C VAL A 67 -5.84 23.46 4.24
N GLY A 68 -5.80 23.92 3.00
CA GLY A 68 -6.51 23.27 1.92
C GLY A 68 -5.67 22.20 1.26
N VAL A 69 -6.26 21.03 1.04
CA VAL A 69 -5.53 19.92 0.43
C VAL A 69 -6.41 19.10 -0.51
N LYS A 70 -5.84 18.67 -1.62
CA LYS A 70 -6.54 17.78 -2.54
C LYS A 70 -6.74 16.43 -1.87
N LEU A 71 -7.99 16.07 -1.64
CA LEU A 71 -8.33 14.90 -0.84
C LEU A 71 -7.78 13.59 -1.42
N GLU A 72 -7.72 13.50 -2.74
CA GLU A 72 -7.27 12.26 -3.39
C GLU A 72 -5.81 11.95 -3.09
N ASP A 73 -4.97 12.98 -3.14
CA ASP A 73 -3.56 12.82 -2.83
C ASP A 73 -3.36 12.52 -1.35
N PHE A 74 -4.22 13.11 -0.52
CA PHE A 74 -4.15 12.92 0.91
C PHE A 74 -4.52 11.49 1.31
N THR A 75 -5.63 10.99 0.76
CA THR A 75 -6.09 9.64 1.07
C THR A 75 -5.16 8.57 0.49
N ASP A 76 -4.58 8.85 -0.67
CA ASP A 76 -3.65 7.92 -1.29
C ASP A 76 -2.47 7.64 -0.35
N VAL A 77 -2.04 8.69 0.35
CA VAL A 77 -1.00 8.54 1.35
C VAL A 77 -1.51 7.80 2.57
N LEU A 78 -2.72 8.16 2.99
CA LEU A 78 -3.32 7.56 4.18
C LEU A 78 -3.66 6.07 3.99
N LYS A 79 -3.83 5.66 2.75
CA LYS A 79 -4.13 4.26 2.45
C LYS A 79 -2.93 3.36 2.70
N THR A 80 -1.75 3.96 2.83
CA THR A 80 -0.52 3.21 3.04
C THR A 80 -0.22 3.02 4.51
N VAL A 81 -1.25 3.15 5.35
CA VAL A 81 -1.10 3.05 6.79
C VAL A 81 -1.38 1.65 7.32
N THR A 82 -0.49 1.15 8.17
CA THR A 82 -0.67 -0.16 8.80
C THR A 82 -1.45 -0.02 10.10
N LYS A 83 -1.59 -1.12 10.83
CA LYS A 83 -2.32 -1.11 12.09
C LYS A 83 -1.43 -0.63 13.24
N ASN A 84 -0.15 -0.43 12.94
CA ASN A 84 0.80 -0.01 13.96
C ASN A 84 1.40 1.38 13.68
N ASP A 85 0.99 1.97 12.55
CA ASP A 85 1.52 3.27 12.15
C ASP A 85 0.93 4.41 12.96
N SER A 86 1.80 5.35 13.36
CA SER A 86 1.35 6.60 13.95
C SER A 86 1.38 7.66 12.87
N LEU A 87 0.60 8.72 13.06
CA LEU A 87 0.49 9.76 12.05
C LEU A 87 0.77 11.14 12.65
N TYR A 88 1.54 11.95 11.91
CA TYR A 88 1.79 13.32 12.29
C TYR A 88 1.23 14.26 11.23
N LEU A 89 0.68 15.38 11.68
CA LEU A 89 0.23 16.43 10.77
C LEU A 89 0.91 17.73 11.17
N GLU A 90 1.64 18.32 10.24
CA GLU A 90 2.42 19.52 10.56
C GLU A 90 2.48 20.46 9.36
N THR A 91 2.67 21.74 9.64
CA THR A 91 2.80 22.74 8.58
C THR A 91 4.16 23.43 8.69
N ASP A 92 4.92 23.39 7.61
CA ASP A 92 6.25 23.99 7.59
C ASP A 92 6.18 25.51 7.48
N GLU A 93 7.29 26.11 7.07
CA GLU A 93 7.37 27.56 6.94
C GLU A 93 6.58 28.05 5.72
N ASN A 94 6.65 27.27 4.65
CA ASN A 94 5.96 27.62 3.40
C ASN A 94 4.47 27.33 3.49
N GLN A 95 4.01 27.00 4.68
CA GLN A 95 2.58 26.75 4.93
C GLN A 95 2.09 25.48 4.22
N ASN A 96 3.02 24.60 3.88
CA ASN A 96 2.67 23.32 3.28
C ASN A 96 2.27 22.31 4.35
N ILE A 97 1.47 21.33 3.97
CA ILE A 97 1.04 20.28 4.90
C ILE A 97 1.97 19.06 4.83
N LYS A 98 2.48 18.64 5.98
CA LYS A 98 3.41 17.52 6.06
C LYS A 98 2.79 16.34 6.81
N VAL A 99 2.54 15.25 6.08
CA VAL A 99 2.02 14.05 6.70
C VAL A 99 3.15 13.06 6.94
N THR A 100 3.36 12.71 8.21
CA THR A 100 4.46 11.80 8.57
C THR A 100 3.94 10.52 9.20
N LEU A 101 4.11 9.41 8.49
CA LEU A 101 3.74 8.09 9.02
C LEU A 101 4.97 7.45 9.65
N ASP A 102 4.78 6.85 10.82
CA ASP A 102 5.89 6.20 11.51
C ASP A 102 5.49 4.87 12.12
N GLY A 103 6.10 3.80 11.61
CA GLY A 103 5.87 2.46 12.11
C GLY A 103 7.11 1.62 11.95
N VAL A 104 7.13 0.76 10.93
CA VAL A 104 8.32 -0.01 10.60
C VAL A 104 9.45 0.94 10.20
N TYR A 105 9.10 1.98 9.46
CA TYR A 105 10.06 3.02 9.11
C TYR A 105 9.37 4.38 9.10
N GLU A 106 10.16 5.44 9.09
CA GLU A 106 9.63 6.80 9.08
C GLU A 106 9.60 7.38 7.68
N ARG A 107 8.44 7.90 7.28
CA ARG A 107 8.27 8.46 5.94
C ARG A 107 7.41 9.71 6.01
N THR A 108 7.74 10.70 5.19
CA THR A 108 7.03 11.97 5.20
C THR A 108 6.57 12.40 3.81
N PHE A 109 5.29 12.71 3.69
CA PHE A 109 4.73 13.23 2.45
C PHE A 109 4.37 14.70 2.61
N THR A 110 4.64 15.49 1.57
CA THR A 110 4.36 16.92 1.60
C THR A 110 3.43 17.32 0.46
N PHE A 111 2.44 18.15 0.77
CA PHE A 111 1.50 18.62 -0.25
C PHE A 111 1.51 20.15 -0.29
N PRO A 112 1.51 20.71 -1.51
CA PRO A 112 1.46 22.16 -1.68
C PRO A 112 0.11 22.70 -1.23
N SER A 113 0.12 23.81 -0.50
CA SER A 113 -1.13 24.44 -0.06
C SER A 113 -1.90 25.01 -1.24
N ILE A 114 -3.21 24.84 -1.22
CA ILE A 114 -4.07 25.34 -2.30
C ILE A 114 -5.08 26.34 -1.76
N VAL A 115 -5.86 26.94 -2.64
CA VAL A 115 -6.93 27.85 -2.21
C VAL A 115 -8.09 27.05 -1.63
N ALA A 116 -8.53 27.44 -0.45
CA ALA A 116 -9.59 26.73 0.25
C ALA A 116 -10.89 27.53 0.23
N SER A 117 -11.95 26.90 -0.28
CA SER A 117 -13.26 27.54 -0.33
C SER A 117 -13.84 27.75 1.07
N GLU A 118 -14.75 28.71 1.17
CA GLU A 118 -15.46 28.97 2.43
C GLU A 118 -16.83 28.31 2.36
N ILE A 119 -17.16 27.48 3.35
CA ILE A 119 -18.44 26.78 3.36
C ILE A 119 -19.45 27.45 4.28
N GLU A 120 -20.49 28.03 3.68
CA GLU A 120 -21.57 28.66 4.43
C GLU A 120 -22.31 27.62 5.26
N THR A 121 -22.60 27.97 6.50
CA THR A 121 -23.23 27.05 7.44
C THR A 121 -24.76 27.09 7.38
N PRO A 122 -25.38 25.99 6.93
CA PRO A 122 -26.83 25.85 7.03
C PRO A 122 -27.25 25.70 8.48
N ASN A 123 -28.55 25.83 8.76
CA ASN A 123 -29.04 25.74 10.14
C ASN A 123 -28.66 24.43 10.82
N LEU A 124 -27.69 24.51 11.73
CA LEU A 124 -27.21 23.32 12.44
C LEU A 124 -28.06 23.00 13.66
N ASN A 125 -28.49 24.04 14.37
CA ASN A 125 -29.34 23.85 15.54
C ASN A 125 -30.77 23.50 15.15
N LEU A 126 -30.90 22.90 13.97
CA LEU A 126 -32.21 22.49 13.46
C LEU A 126 -32.87 21.50 14.41
N GLU A 127 -34.20 21.50 14.43
CA GLU A 127 -34.93 20.59 15.31
C GLU A 127 -35.52 19.40 14.55
N PHE A 128 -35.24 18.20 15.05
CA PHE A 128 -35.71 16.97 14.41
C PHE A 128 -36.80 16.30 15.24
N PRO A 129 -37.91 15.94 14.59
CA PRO A 129 -39.02 15.24 15.25
C PRO A 129 -38.58 13.90 15.82
N PHE A 130 -37.80 13.14 15.06
CA PHE A 130 -37.36 11.81 15.49
C PHE A 130 -35.85 11.75 15.73
N LYS A 131 -35.45 11.17 16.85
CA LYS A 131 -34.03 11.01 17.18
C LYS A 131 -33.77 9.60 17.70
N ALA A 132 -32.66 9.01 17.27
CA ALA A 132 -32.31 7.65 17.69
C ALA A 132 -30.80 7.46 17.76
N LYS A 133 -30.37 6.42 18.46
CA LYS A 133 -28.96 6.09 18.57
C LYS A 133 -28.77 4.60 18.36
N ALA A 134 -27.66 4.22 17.71
CA ALA A 134 -27.40 2.82 17.42
C ALA A 134 -25.90 2.57 17.21
N LEU A 135 -25.51 1.31 17.31
CA LEU A 135 -24.13 0.92 17.04
C LEU A 135 -23.79 1.19 15.58
N THR A 136 -22.65 1.83 15.35
CA THR A 136 -22.23 2.15 14.00
C THR A 136 -22.10 0.89 13.16
N VAL A 137 -21.45 -0.13 13.70
CA VAL A 137 -21.26 -1.39 13.00
C VAL A 137 -22.60 -2.01 12.61
N THR A 138 -23.58 -1.92 13.50
CA THR A 138 -24.91 -2.42 13.21
C THR A 138 -25.55 -1.65 12.06
N PHE A 139 -25.64 -0.33 12.23
CA PHE A 139 -26.26 0.53 11.22
C PHE A 139 -25.60 0.36 9.86
N THR A 140 -24.27 0.34 9.85
CA THR A 140 -23.51 0.18 8.62
C THR A 140 -23.87 -1.10 7.89
N ASP A 141 -23.81 -2.22 8.59
CA ASP A 141 -24.14 -3.52 8.00
C ASP A 141 -25.54 -3.50 7.40
N ILE A 142 -26.48 -2.84 8.09
CA ILE A 142 -27.85 -2.73 7.61
C ILE A 142 -27.92 -1.91 6.33
N ILE A 143 -27.09 -0.88 6.23
CA ILE A 143 -27.05 -0.05 5.03
C ILE A 143 -26.43 -0.80 3.86
N ASP A 144 -25.29 -1.43 4.11
CA ASP A 144 -24.62 -2.22 3.08
C ASP A 144 -25.54 -3.32 2.58
N GLU A 145 -26.51 -3.70 3.40
CA GLU A 145 -27.49 -4.72 3.04
C GLU A 145 -28.61 -4.12 2.19
N ILE A 146 -28.99 -2.88 2.51
CA ILE A 146 -30.00 -2.16 1.74
C ILE A 146 -29.49 -1.86 0.33
N GLU A 147 -28.20 -1.55 0.22
CA GLU A 147 -27.58 -1.25 -1.06
C GLU A 147 -27.74 -2.41 -2.04
N ASP A 148 -27.62 -3.63 -1.54
CA ASP A 148 -27.68 -4.82 -2.38
C ASP A 148 -29.10 -5.13 -2.85
N ILE A 149 -30.08 -4.45 -2.28
CA ILE A 149 -31.48 -4.64 -2.70
C ILE A 149 -31.66 -4.17 -4.13
N GLY A 150 -30.94 -3.12 -4.51
CA GLY A 150 -31.01 -2.59 -5.85
C GLY A 150 -31.99 -1.44 -5.97
N GLY A 151 -31.67 -0.32 -5.33
CA GLY A 151 -32.51 0.86 -5.37
C GLY A 151 -31.68 2.13 -5.40
N ASP A 152 -32.31 3.24 -5.78
CA ASP A 152 -31.64 4.53 -5.80
C ASP A 152 -32.15 5.42 -4.67
N SER A 153 -33.23 4.98 -4.03
CA SER A 153 -33.83 5.72 -2.94
C SER A 153 -34.02 4.85 -1.70
N ILE A 154 -33.83 5.44 -0.54
CA ILE A 154 -34.04 4.73 0.72
C ILE A 154 -35.03 5.49 1.59
N THR A 155 -36.06 4.79 2.04
CA THR A 155 -37.12 5.42 2.82
C THR A 155 -36.87 5.26 4.31
N PHE A 156 -36.80 6.39 5.02
CA PHE A 156 -36.70 6.41 6.47
C PHE A 156 -38.08 6.64 7.05
N LYS A 157 -38.53 5.73 7.91
CA LYS A 157 -39.86 5.82 8.50
C LYS A 157 -39.86 5.50 9.98
N ALA A 158 -40.23 6.48 10.79
CA ALA A 158 -40.31 6.30 12.23
C ALA A 158 -41.76 6.20 12.68
N GLU A 159 -42.10 5.12 13.38
CA GLU A 159 -43.45 4.89 13.85
C GLU A 159 -43.44 4.20 15.20
N GLY A 160 -43.90 4.91 16.23
CA GLY A 160 -43.92 4.36 17.58
C GLY A 160 -42.53 4.11 18.12
N GLY A 161 -41.61 5.01 17.82
CA GLY A 161 -40.24 4.91 18.31
C GLY A 161 -39.43 3.84 17.60
N LYS A 162 -39.92 3.40 16.44
CA LYS A 162 -39.23 2.38 15.66
C LYS A 162 -38.89 2.88 14.27
N LEU A 163 -37.70 2.55 13.80
CA LEU A 163 -37.21 3.04 12.51
C LEU A 163 -37.24 1.95 11.45
N TYR A 164 -37.85 2.26 10.31
CA TYR A 164 -37.94 1.31 9.21
C TYR A 164 -37.25 1.84 7.95
N LEU A 165 -36.22 1.12 7.51
CA LEU A 165 -35.50 1.49 6.30
C LEU A 165 -35.90 0.56 5.17
N SER A 166 -36.39 1.12 4.07
CA SER A 166 -36.84 0.30 2.95
C SER A 166 -36.38 0.85 1.61
N ALA A 167 -36.04 -0.05 0.70
CA ALA A 167 -35.61 0.32 -0.64
C ALA A 167 -36.33 -0.54 -1.68
N ASN A 168 -36.83 0.10 -2.73
CA ASN A 168 -37.58 -0.62 -3.76
C ASN A 168 -36.73 -1.63 -4.54
N SER A 169 -37.41 -2.59 -5.15
CA SER A 169 -36.75 -3.61 -5.96
C SER A 169 -37.60 -3.92 -7.19
N ASP A 170 -37.02 -4.67 -8.13
CA ASP A 170 -37.72 -5.02 -9.37
C ASP A 170 -39.08 -5.64 -9.06
N MET A 171 -39.10 -6.57 -8.11
CA MET A 171 -40.33 -7.23 -7.71
C MET A 171 -41.20 -6.34 -6.81
N GLY A 172 -40.72 -6.08 -5.61
CA GLY A 172 -41.45 -5.25 -4.66
C GLY A 172 -40.52 -4.36 -3.86
N SER A 173 -40.35 -4.68 -2.58
CA SER A 173 -39.45 -3.92 -1.71
C SER A 173 -39.01 -4.75 -0.52
N SER A 174 -38.05 -4.23 0.23
CA SER A 174 -37.56 -4.90 1.43
C SER A 174 -37.32 -3.88 2.53
N THR A 175 -37.86 -4.15 3.72
CA THR A 175 -37.78 -3.22 4.83
C THR A 175 -37.10 -3.83 6.05
N ILE A 176 -36.03 -3.20 6.50
CA ILE A 176 -35.35 -3.64 7.71
C ILE A 176 -35.76 -2.79 8.90
N GLU A 177 -36.18 -3.44 9.98
CA GLU A 177 -36.66 -2.74 11.16
C GLU A 177 -35.57 -2.58 12.22
N LEU A 178 -35.48 -1.38 12.79
CA LEU A 178 -34.56 -1.12 13.89
C LEU A 178 -35.33 -0.54 15.06
N SER A 179 -35.04 -1.05 16.26
CA SER A 179 -35.71 -0.57 17.46
C SER A 179 -35.01 -1.07 18.72
N THR A 180 -35.42 -0.54 19.87
CA THR A 180 -34.86 -0.96 21.15
C THR A 180 -35.27 -2.40 21.47
N GLU A 181 -36.38 -2.84 20.89
CA GLU A 181 -36.90 -4.19 21.13
C GLU A 181 -36.06 -5.26 20.46
N ASN A 182 -35.66 -5.02 19.21
CA ASN A 182 -34.86 -5.99 18.47
C ASN A 182 -33.35 -5.78 18.61
N GLY A 183 -32.98 -4.76 19.37
CA GLY A 183 -31.57 -4.47 19.62
C GLY A 183 -30.94 -3.58 18.57
N GLY A 184 -31.69 -3.26 17.52
CA GLY A 184 -31.20 -2.40 16.46
C GLY A 184 -30.88 -1.01 16.97
N LEU A 185 -31.74 -0.49 17.83
CA LEU A 185 -31.56 0.83 18.42
C LEU A 185 -31.14 0.75 19.87
N LEU A 186 -30.31 1.70 20.30
CA LEU A 186 -29.89 1.79 21.68
C LEU A 186 -30.88 2.66 22.46
N GLU A 187 -31.46 3.63 21.78
CA GLU A 187 -32.45 4.51 22.38
C GLU A 187 -33.25 5.24 21.30
N SER A 188 -34.48 5.61 21.62
CA SER A 188 -35.36 6.26 20.65
C SER A 188 -36.17 7.38 21.29
N GLU A 189 -36.34 8.47 20.56
CA GLU A 189 -37.05 9.64 21.07
C GLU A 189 -37.87 10.30 19.96
N GLY A 190 -38.87 11.09 20.35
CA GLY A 190 -39.65 11.86 19.40
C GLY A 190 -40.84 11.12 18.83
N GLY A 191 -41.58 11.80 17.96
CA GLY A 191 -42.79 11.24 17.39
C GLY A 191 -42.55 10.43 16.12
N ASP A 192 -43.41 10.62 15.14
CA ASP A 192 -43.34 9.88 13.88
C ASP A 192 -42.95 10.78 12.72
N ALA A 193 -42.38 10.18 11.69
CA ALA A 193 -41.96 10.90 10.50
C ALA A 193 -41.62 9.94 9.37
N GLU A 194 -41.69 10.43 8.13
CA GLU A 194 -41.35 9.61 6.98
C GLU A 194 -40.80 10.45 5.83
N SER A 195 -39.62 10.06 5.34
CA SER A 195 -38.99 10.76 4.22
C SER A 195 -38.20 9.77 3.36
N VAL A 196 -37.89 10.18 2.14
CA VAL A 196 -37.08 9.37 1.25
C VAL A 196 -35.81 10.12 0.86
N TYR A 197 -34.67 9.47 1.02
CA TYR A 197 -33.38 10.09 0.72
C TYR A 197 -32.62 9.30 -0.32
N GLY A 198 -31.66 9.94 -0.98
CA GLY A 198 -30.81 9.25 -1.93
C GLY A 198 -30.02 8.15 -1.26
N LEU A 199 -30.06 6.96 -1.84
CA LEU A 199 -29.40 5.80 -1.25
C LEU A 199 -27.88 5.93 -1.29
N GLU A 200 -27.35 6.43 -2.40
CA GLU A 200 -25.90 6.55 -2.57
C GLU A 200 -25.27 7.43 -1.49
N TYR A 201 -25.95 8.51 -1.14
CA TYR A 201 -25.45 9.43 -0.14
C TYR A 201 -25.38 8.78 1.25
N VAL A 202 -26.41 8.01 1.58
CA VAL A 202 -26.45 7.31 2.87
C VAL A 202 -25.37 6.23 2.93
N VAL A 203 -25.28 5.44 1.87
CA VAL A 203 -24.30 4.36 1.80
C VAL A 203 -22.87 4.87 1.89
N ASN A 204 -22.61 6.00 1.24
CA ASN A 204 -21.26 6.56 1.18
C ASN A 204 -20.67 6.92 2.54
N THR A 205 -21.49 6.91 3.58
CA THR A 205 -21.02 7.22 4.92
C THR A 205 -20.64 5.96 5.70
N SER A 206 -20.97 4.81 5.13
CA SER A 206 -20.72 3.52 5.79
C SER A 206 -19.26 3.33 6.16
N LYS A 207 -18.37 4.03 5.47
CA LYS A 207 -16.93 3.89 5.68
C LYS A 207 -16.52 4.36 7.07
N MET A 208 -17.45 4.99 7.78
CA MET A 208 -17.21 5.46 9.15
C MET A 208 -17.26 4.30 10.14
N ARG A 209 -17.43 3.09 9.63
CA ARG A 209 -17.54 1.89 10.45
C ARG A 209 -16.44 1.77 11.50
N LYS A 210 -15.18 1.90 11.08
CA LYS A 210 -14.05 1.75 11.98
C LYS A 210 -13.85 2.92 12.97
N PRO A 211 -13.84 4.16 12.47
CA PRO A 211 -13.59 5.31 13.34
C PRO A 211 -14.70 5.53 14.36
N SER A 212 -15.94 5.24 13.99
CA SER A 212 -17.09 5.53 14.84
C SER A 212 -17.59 4.31 15.60
N ASP A 213 -17.99 4.51 16.85
CA ASP A 213 -18.53 3.44 17.68
C ASP A 213 -20.06 3.45 17.65
N THR A 214 -20.65 4.61 17.83
CA THR A 214 -22.10 4.76 17.79
C THR A 214 -22.51 5.89 16.84
N VAL A 215 -23.70 5.76 16.27
CA VAL A 215 -24.23 6.77 15.36
C VAL A 215 -25.61 7.22 15.83
N GLU A 216 -25.89 8.51 15.68
CA GLU A 216 -27.19 9.05 16.05
C GLU A 216 -27.99 9.46 14.83
N ILE A 217 -29.19 8.91 14.71
CA ILE A 217 -30.05 9.14 13.55
C ILE A 217 -31.14 10.14 13.89
N ALA A 218 -31.29 11.16 13.05
CA ALA A 218 -32.29 12.19 13.27
C ALA A 218 -32.85 12.69 11.94
N PHE A 219 -34.17 12.86 11.87
CA PHE A 219 -34.81 13.35 10.66
C PHE A 219 -36.27 13.72 10.92
N GLY A 220 -36.96 14.08 9.84
CA GLY A 220 -38.36 14.42 9.91
C GLY A 220 -38.98 14.35 8.53
N SER A 221 -40.27 14.66 8.43
CA SER A 221 -40.95 14.63 7.16
C SER A 221 -40.58 15.85 6.31
N GLN A 222 -39.96 15.59 5.17
CA GLN A 222 -39.55 16.64 4.24
C GLN A 222 -38.48 17.56 4.83
N ILE A 223 -37.71 17.03 5.79
CA ILE A 223 -36.57 17.76 6.34
C ILE A 223 -35.32 16.88 6.29
N PRO A 224 -34.14 17.51 6.24
CA PRO A 224 -32.86 16.79 6.07
C PRO A 224 -32.66 15.66 7.08
N LEU A 225 -32.01 14.59 6.63
CA LEU A 225 -31.59 13.50 7.50
C LEU A 225 -30.20 13.81 8.05
N LYS A 226 -30.05 13.72 9.36
CA LYS A 226 -28.75 13.93 9.98
C LYS A 226 -28.20 12.66 10.59
N LEU A 227 -27.08 12.18 10.05
CA LEU A 227 -26.37 11.05 10.61
C LEU A 227 -25.13 11.55 11.34
N ARG A 228 -25.14 11.44 12.67
CA ARG A 228 -23.98 11.82 13.46
C ARG A 228 -23.17 10.61 13.88
N TYR A 229 -22.02 10.43 13.26
CA TYR A 229 -21.11 9.36 13.62
C TYR A 229 -20.19 9.79 14.76
N ASN A 230 -20.48 9.30 15.96
CA ASN A 230 -19.71 9.70 17.14
C ASN A 230 -18.27 9.22 17.11
N LEU A 231 -17.35 10.12 17.45
CA LEU A 231 -15.94 9.79 17.53
C LEU A 231 -15.47 9.91 18.97
N PRO A 232 -14.38 9.21 19.32
CA PRO A 232 -13.83 9.28 20.68
C PRO A 232 -13.59 10.72 21.14
N GLN A 233 -13.56 10.91 22.45
CA GLN A 233 -13.22 12.20 23.05
C GLN A 233 -14.21 13.32 22.69
N GLY A 234 -15.43 12.94 22.32
CA GLY A 234 -16.47 13.91 22.04
C GLY A 234 -16.55 14.34 20.60
N GLY A 235 -15.72 13.72 19.75
CA GLY A 235 -15.72 14.04 18.34
C GLY A 235 -17.00 13.58 17.65
N TYR A 236 -17.21 14.07 16.43
CA TYR A 236 -18.36 13.66 15.65
C TYR A 236 -18.20 14.00 14.17
N ALA A 237 -18.81 13.20 13.32
CA ALA A 237 -18.85 13.48 11.89
C ALA A 237 -20.30 13.54 11.43
N ASP A 238 -20.81 14.75 11.27
CA ASP A 238 -22.21 14.96 10.93
C ASP A 238 -22.44 14.99 9.42
N PHE A 239 -23.46 14.28 8.97
CA PHE A 239 -23.84 14.27 7.57
C PHE A 239 -25.30 14.68 7.42
N TYR A 240 -25.54 15.79 6.74
CA TYR A 240 -26.89 16.25 6.48
C TYR A 240 -27.28 15.93 5.04
N ILE A 241 -28.37 15.19 4.89
CA ILE A 241 -28.83 14.80 3.56
C ILE A 241 -30.25 15.28 3.30
N ALA A 242 -30.43 16.04 2.22
CA ALA A 242 -31.73 16.61 1.89
C ALA A 242 -32.72 15.54 1.45
N PRO A 243 -34.00 15.72 1.84
CA PRO A 243 -35.07 14.80 1.46
C PRO A 243 -35.29 14.80 -0.05
N ARG A 244 -36.07 13.84 -0.54
CA ARG A 244 -36.34 13.70 -1.96
C ARG A 244 -37.46 14.65 -2.39
N ALA A 245 -37.73 14.68 -3.69
CA ALA A 245 -38.78 15.54 -4.24
C ALA A 245 -40.08 15.42 -3.45
N MET B 1 28.89 -34.45 -20.47
CA MET B 1 27.70 -33.69 -20.15
C MET B 1 27.82 -33.01 -18.79
N ILE B 2 27.02 -31.97 -18.57
CA ILE B 2 27.06 -31.21 -17.33
C ILE B 2 25.90 -31.59 -16.41
N LYS B 3 26.22 -31.83 -15.14
CA LYS B 3 25.21 -32.15 -14.15
C LYS B 3 25.21 -31.08 -13.05
N ALA B 4 24.05 -30.89 -12.42
CA ALA B 4 23.93 -29.89 -11.36
C ALA B 4 22.67 -30.13 -10.56
N THR B 5 22.77 -30.02 -9.23
CA THR B 5 21.63 -30.21 -8.36
C THR B 5 21.49 -29.06 -7.37
N TYR B 6 20.30 -28.49 -7.31
CA TYR B 6 20.01 -27.39 -6.40
C TYR B 6 19.01 -27.82 -5.33
N SER B 7 19.25 -27.40 -4.10
CA SER B 7 18.51 -27.90 -2.95
C SER B 7 17.09 -27.34 -2.78
N SER B 8 16.61 -26.60 -3.78
CA SER B 8 15.27 -26.01 -3.68
C SER B 8 14.66 -25.64 -5.02
N ALA B 9 13.49 -26.21 -5.30
CA ALA B 9 12.75 -25.89 -6.52
C ALA B 9 11.98 -24.59 -6.36
N LYS B 10 11.45 -24.38 -5.16
CA LYS B 10 10.69 -23.17 -4.85
C LYS B 10 11.55 -21.91 -5.02
N ASP B 11 12.74 -21.93 -4.43
CA ASP B 11 13.64 -20.79 -4.52
C ASP B 11 14.13 -20.56 -5.95
N PHE B 12 14.45 -21.65 -6.64
CA PHE B 12 14.89 -21.58 -8.03
C PHE B 12 13.82 -20.89 -8.87
N TYR B 13 12.56 -21.19 -8.57
CA TYR B 13 11.44 -20.63 -9.31
C TYR B 13 11.21 -19.17 -8.93
N SER B 14 11.53 -18.84 -7.68
CA SER B 14 11.37 -17.47 -7.19
C SER B 14 12.38 -16.53 -7.83
N LEU B 15 13.59 -17.04 -8.05
CA LEU B 15 14.65 -16.26 -8.66
C LEU B 15 14.33 -15.94 -10.13
N LEU B 16 13.73 -16.91 -10.82
CA LEU B 16 13.39 -16.73 -12.22
C LEU B 16 12.30 -15.70 -12.40
N SER B 17 11.34 -15.67 -11.48
CA SER B 17 10.24 -14.71 -11.54
C SER B 17 10.78 -13.30 -11.35
N GLY B 18 11.94 -13.20 -10.71
CA GLY B 18 12.55 -11.91 -10.45
C GLY B 18 13.18 -11.29 -11.68
N LEU B 19 13.50 -12.12 -12.67
CA LEU B 19 14.08 -11.64 -13.91
C LEU B 19 13.12 -10.67 -14.60
N LEU B 20 13.50 -9.39 -14.64
CA LEU B 20 12.65 -8.37 -15.25
C LEU B 20 12.90 -8.29 -16.75
N LYS B 21 11.81 -8.31 -17.52
CA LYS B 21 11.89 -8.27 -18.98
C LYS B 21 12.72 -9.44 -19.48
N VAL B 22 12.28 -10.64 -19.15
CA VAL B 22 13.04 -11.85 -19.45
C VAL B 22 13.27 -12.09 -20.93
N THR B 23 12.28 -11.75 -21.75
CA THR B 23 12.29 -12.03 -23.18
C THR B 23 11.87 -13.48 -23.44
N ASP B 24 11.43 -14.15 -22.38
CA ASP B 24 10.97 -15.53 -22.47
C ASP B 24 12.11 -16.49 -22.85
N GLU B 25 13.32 -15.96 -22.93
CA GLU B 25 14.49 -16.77 -23.24
C GLU B 25 15.71 -16.27 -22.48
N ILE B 26 16.43 -17.19 -21.84
CA ILE B 26 17.63 -16.85 -21.11
C ILE B 26 18.79 -17.74 -21.52
N ILE B 27 20.01 -17.30 -21.21
CA ILE B 27 21.18 -18.10 -21.49
C ILE B 27 21.83 -18.57 -20.19
N LEU B 28 21.48 -19.78 -19.77
CA LEU B 28 22.08 -20.35 -18.57
C LEU B 28 23.56 -20.64 -18.81
N ASN B 29 24.41 -20.08 -17.97
CA ASN B 29 25.84 -20.26 -18.09
C ASN B 29 26.39 -21.18 -17.01
N PHE B 30 27.02 -22.27 -17.44
CA PHE B 30 27.59 -23.23 -16.52
C PHE B 30 29.11 -23.07 -16.44
N THR B 31 29.60 -22.66 -15.28
CA THR B 31 31.04 -22.50 -15.07
C THR B 31 31.50 -23.25 -13.85
N GLU B 32 32.81 -23.32 -13.66
CA GLU B 32 33.39 -24.05 -12.54
C GLU B 32 32.98 -23.45 -11.19
N ASP B 33 32.74 -22.15 -11.18
CA ASP B 33 32.48 -21.44 -9.93
C ASP B 33 30.99 -21.18 -9.66
N SER B 34 30.17 -21.16 -10.71
CA SER B 34 28.75 -20.91 -10.54
C SER B 34 27.95 -21.03 -11.83
N ILE B 35 26.65 -21.29 -11.67
CA ILE B 35 25.70 -21.20 -12.78
C ILE B 35 25.02 -19.84 -12.69
N PHE B 36 24.90 -19.15 -13.83
CA PHE B 36 24.35 -17.81 -13.80
C PHE B 36 23.73 -17.35 -15.12
N SER B 37 22.81 -16.40 -15.03
CA SER B 37 22.27 -15.72 -16.19
C SER B 37 22.56 -14.23 -16.07
N ARG B 38 22.99 -13.62 -17.17
CA ARG B 38 23.36 -12.21 -17.16
C ARG B 38 22.58 -11.46 -18.22
N TYR B 39 21.61 -10.66 -17.76
CA TYR B 39 20.74 -9.91 -18.66
C TYR B 39 20.93 -8.40 -18.48
N LEU B 40 20.90 -7.67 -19.59
CA LEU B 40 21.03 -6.22 -19.55
C LEU B 40 19.95 -5.58 -20.43
N THR B 41 19.16 -4.69 -19.84
CA THR B 41 18.07 -4.05 -20.56
C THR B 41 18.58 -3.17 -21.71
N ASP B 42 17.72 -2.93 -22.70
CA ASP B 42 18.10 -2.19 -23.89
C ASP B 42 18.60 -0.79 -23.59
N ASP B 43 17.94 -0.10 -22.67
CA ASP B 43 18.36 1.23 -22.25
C ASP B 43 19.68 1.20 -21.49
N LYS B 44 20.15 -0.03 -21.19
CA LYS B 44 21.43 -0.23 -20.53
C LYS B 44 21.46 0.30 -19.10
N VAL B 45 20.30 0.64 -18.57
CA VAL B 45 20.22 1.19 -17.22
C VAL B 45 20.27 0.11 -16.16
N LEU B 46 19.55 -0.98 -16.40
CA LEU B 46 19.43 -2.06 -15.42
C LEU B 46 20.10 -3.34 -15.89
N MET B 47 20.89 -3.96 -15.02
CA MET B 47 21.42 -5.28 -15.26
C MET B 47 20.83 -6.29 -14.29
N VAL B 48 20.26 -7.36 -14.83
CA VAL B 48 19.69 -8.42 -14.00
C VAL B 48 20.61 -9.64 -14.00
N ILE B 49 20.94 -10.13 -12.82
CA ILE B 49 21.82 -11.30 -12.71
C ILE B 49 21.24 -12.37 -11.79
N PHE B 50 21.04 -13.55 -12.36
CA PHE B 50 20.66 -14.73 -11.58
C PHE B 50 21.93 -15.55 -11.37
N LYS B 51 22.23 -15.87 -10.12
CA LYS B 51 23.49 -16.56 -9.83
C LYS B 51 23.38 -17.59 -8.71
N ILE B 52 23.95 -18.77 -8.96
CA ILE B 52 24.03 -19.82 -7.95
C ILE B 52 25.48 -20.29 -7.78
N PRO B 53 26.15 -19.81 -6.73
CA PRO B 53 27.53 -20.22 -6.44
C PRO B 53 27.65 -21.73 -6.28
N LYS B 54 28.80 -22.29 -6.70
CA LYS B 54 29.03 -23.72 -6.64
C LYS B 54 28.85 -24.25 -5.21
N GLU B 55 29.15 -23.40 -4.24
CA GLU B 55 29.03 -23.76 -2.83
C GLU B 55 27.64 -24.32 -2.51
N TYR B 56 26.66 -23.93 -3.30
CA TYR B 56 25.28 -24.35 -3.07
C TYR B 56 24.78 -25.31 -4.15
N LEU B 57 25.72 -25.94 -4.85
CA LEU B 57 25.39 -26.91 -5.88
C LEU B 57 25.89 -28.31 -5.49
N GLU B 58 24.96 -29.25 -5.39
CA GLU B 58 25.28 -30.62 -5.02
C GLU B 58 25.53 -31.47 -6.26
N ASP B 59 26.49 -32.39 -6.16
CA ASP B 59 26.81 -33.30 -7.26
C ASP B 59 27.06 -32.54 -8.56
N TYR B 60 27.73 -31.40 -8.45
CA TYR B 60 27.97 -30.55 -9.60
C TYR B 60 29.10 -31.10 -10.48
N THR B 61 28.72 -31.67 -11.62
CA THR B 61 29.69 -32.23 -12.56
C THR B 61 29.88 -31.31 -13.75
N ILE B 62 31.02 -30.62 -13.80
CA ILE B 62 31.30 -29.70 -14.89
C ILE B 62 32.56 -30.09 -15.65
N ASP B 63 32.39 -30.49 -16.91
CA ASP B 63 33.51 -30.82 -17.78
C ASP B 63 34.12 -29.53 -18.33
N LYS B 64 33.46 -28.96 -19.32
CA LYS B 64 33.88 -27.69 -19.91
C LYS B 64 32.75 -26.68 -19.80
N PRO B 65 33.10 -25.41 -19.52
CA PRO B 65 32.10 -24.33 -19.42
C PRO B 65 31.16 -24.31 -20.62
N LEU B 66 29.88 -24.08 -20.38
CA LEU B 66 28.88 -24.09 -21.44
C LEU B 66 27.73 -23.11 -21.18
N GLY B 67 27.23 -22.49 -22.24
CA GLY B 67 26.07 -21.63 -22.15
C GLY B 67 24.94 -22.17 -23.01
N ILE B 68 23.78 -22.36 -22.40
CA ILE B 68 22.63 -22.92 -23.12
C ILE B 68 21.45 -21.95 -23.14
N LYS B 69 21.01 -21.57 -24.33
CA LYS B 69 19.84 -20.72 -24.47
C LYS B 69 18.57 -21.56 -24.47
N ILE B 70 17.66 -21.27 -23.54
CA ILE B 70 16.42 -22.01 -23.42
C ILE B 70 15.22 -21.08 -23.23
N ASN B 71 14.03 -21.65 -23.34
CA ASN B 71 12.79 -20.92 -23.08
C ASN B 71 12.49 -20.94 -21.58
N ILE B 72 12.55 -19.77 -20.95
CA ILE B 72 12.37 -19.67 -19.51
C ILE B 72 11.00 -20.18 -19.08
N ASN B 73 10.03 -20.14 -19.99
CA ASN B 73 8.68 -20.62 -19.69
C ASN B 73 8.67 -22.13 -19.45
N ASP B 74 9.30 -22.87 -20.35
CA ASP B 74 9.41 -24.32 -20.21
C ASP B 74 10.09 -24.66 -18.90
N LEU B 75 11.03 -23.82 -18.50
CA LEU B 75 11.78 -24.02 -17.26
C LEU B 75 10.89 -23.78 -16.04
N LYS B 76 9.93 -22.88 -16.18
CA LYS B 76 9.00 -22.56 -15.10
C LYS B 76 7.92 -23.63 -14.97
N LYS B 77 7.52 -24.19 -16.11
CA LYS B 77 6.48 -25.22 -16.13
C LYS B 77 6.85 -26.40 -15.23
N ILE B 78 8.09 -26.85 -15.33
CA ILE B 78 8.55 -28.00 -14.57
C ILE B 78 8.77 -27.66 -13.10
N LEU B 79 9.21 -26.43 -12.82
CA LEU B 79 9.44 -26.00 -11.45
C LEU B 79 8.13 -25.87 -10.68
N GLY B 80 7.04 -25.59 -11.41
CA GLY B 80 5.73 -25.43 -10.81
C GLY B 80 5.19 -26.72 -10.23
N LYS B 81 5.70 -27.85 -10.72
CA LYS B 81 5.26 -29.15 -10.24
C LYS B 81 5.64 -29.39 -8.79
N ALA B 82 6.69 -28.72 -8.33
CA ALA B 82 7.13 -28.84 -6.95
C ALA B 82 6.02 -28.45 -5.99
N LYS B 83 5.63 -29.39 -5.13
CA LYS B 83 4.53 -29.15 -4.20
C LYS B 83 5.02 -28.77 -2.80
N SER B 84 6.19 -29.28 -2.42
CA SER B 84 6.76 -28.99 -1.12
C SER B 84 8.00 -28.11 -1.24
N LYS B 85 8.41 -27.50 -0.13
CA LYS B 85 9.58 -26.65 -0.12
C LYS B 85 10.87 -27.46 -0.05
N SER B 86 10.71 -28.77 0.17
CA SER B 86 11.87 -29.65 0.26
C SER B 86 12.19 -30.29 -1.08
N ALA B 87 11.59 -29.77 -2.14
CA ALA B 87 11.82 -30.27 -3.49
C ALA B 87 13.25 -29.98 -3.94
N THR B 88 13.68 -30.66 -5.00
CA THR B 88 15.04 -30.52 -5.50
C THR B 88 15.06 -30.47 -7.02
N VAL B 89 15.89 -29.58 -7.57
CA VAL B 89 16.02 -29.45 -9.01
C VAL B 89 17.36 -29.96 -9.51
N THR B 90 17.33 -30.76 -10.57
CA THR B 90 18.55 -31.27 -11.17
C THR B 90 18.61 -30.93 -12.65
N LEU B 91 19.68 -30.25 -13.05
CA LEU B 91 19.87 -29.86 -14.44
C LEU B 91 20.92 -30.75 -15.10
N GLU B 92 20.52 -31.42 -16.18
CA GLU B 92 21.44 -32.29 -16.91
C GLU B 92 21.53 -31.87 -18.37
N GLU B 93 22.76 -31.78 -18.88
CA GLU B 93 22.98 -31.41 -20.27
C GLU B 93 22.62 -32.58 -21.19
N THR B 94 22.09 -32.26 -22.37
CA THR B 94 21.81 -33.27 -23.38
C THR B 94 22.19 -32.72 -24.75
N GLU B 95 22.15 -33.56 -25.77
CA GLU B 95 22.50 -33.15 -27.12
C GLU B 95 21.52 -32.11 -27.66
N ALA B 96 20.25 -32.27 -27.30
CA ALA B 96 19.20 -31.38 -27.78
C ALA B 96 19.05 -30.12 -26.92
N GLY B 97 19.45 -30.22 -25.65
CA GLY B 97 19.36 -29.10 -24.75
C GLY B 97 19.52 -29.48 -23.28
N LEU B 98 18.48 -29.24 -22.49
CA LEU B 98 18.54 -29.52 -21.06
C LEU B 98 17.52 -30.57 -20.62
N LYS B 99 17.86 -31.28 -19.55
CA LYS B 99 16.94 -32.21 -18.91
C LYS B 99 16.73 -31.80 -17.47
N VAL B 100 15.63 -31.09 -17.21
CA VAL B 100 15.34 -30.61 -15.87
C VAL B 100 14.54 -31.65 -15.08
N THR B 101 15.00 -31.95 -13.87
CA THR B 101 14.36 -32.98 -13.04
C THR B 101 14.02 -32.44 -11.66
N VAL B 102 12.75 -32.57 -11.27
CA VAL B 102 12.30 -32.11 -9.96
C VAL B 102 11.85 -33.28 -9.08
N ARG B 103 12.67 -33.64 -8.10
CA ARG B 103 12.35 -34.75 -7.22
C ARG B 103 12.24 -34.32 -5.75
N ASP B 104 11.30 -34.94 -5.03
CA ASP B 104 11.10 -34.65 -3.62
C ASP B 104 11.17 -35.93 -2.79
N GLU B 105 12.16 -36.00 -1.90
CA GLU B 105 12.38 -37.18 -1.08
C GLU B 105 11.16 -37.54 -0.22
N LYS B 106 10.42 -36.51 0.20
CA LYS B 106 9.22 -36.72 1.01
C LYS B 106 8.29 -37.76 0.38
N THR B 107 7.59 -37.36 -0.67
CA THR B 107 6.67 -38.26 -1.36
C THR B 107 7.39 -39.12 -2.39
N GLY B 108 8.71 -39.04 -2.40
CA GLY B 108 9.53 -39.81 -3.33
C GLY B 108 9.05 -39.73 -4.76
N THR B 109 8.75 -38.53 -5.23
CA THR B 109 8.26 -38.33 -6.59
C THR B 109 9.31 -37.63 -7.45
N ARG B 110 9.19 -37.80 -8.77
CA ARG B 110 10.08 -37.16 -9.71
C ARG B 110 9.29 -36.53 -10.85
N SER B 111 9.97 -35.71 -11.65
CA SER B 111 9.36 -35.10 -12.82
C SER B 111 10.43 -34.69 -13.83
N ASN B 112 10.26 -35.15 -15.07
CA ASN B 112 11.21 -34.85 -16.13
C ASN B 112 10.66 -33.86 -17.14
N ILE B 113 11.57 -33.24 -17.89
CA ILE B 113 11.21 -32.39 -19.01
C ILE B 113 12.45 -32.13 -19.86
N TYR B 114 12.35 -32.39 -21.15
CA TYR B 114 13.47 -32.18 -22.05
C TYR B 114 13.30 -30.85 -22.80
N ILE B 115 13.94 -29.81 -22.27
CA ILE B 115 13.85 -28.49 -22.87
C ILE B 115 14.79 -28.35 -24.07
N LYS B 116 14.22 -28.00 -25.21
CA LYS B 116 15.02 -27.75 -26.41
C LYS B 116 15.86 -26.50 -26.21
N GLY B 117 17.18 -26.67 -26.23
CA GLY B 117 18.09 -25.56 -26.01
C GLY B 117 19.13 -25.42 -27.09
N GLU B 118 19.59 -24.19 -27.31
CA GLU B 118 20.65 -23.91 -28.28
C GLU B 118 21.92 -23.49 -27.56
N LYS B 119 22.85 -24.42 -27.38
CA LYS B 119 24.09 -24.12 -26.68
C LYS B 119 24.99 -23.19 -27.48
N THR B 120 25.86 -22.48 -26.76
CA THR B 120 26.71 -21.46 -27.38
C THR B 120 27.87 -21.09 -26.46
N SER B 121 28.61 -20.06 -26.84
CA SER B 121 29.73 -19.59 -26.03
C SER B 121 29.25 -19.08 -24.68
N ILE B 122 30.09 -19.23 -23.67
CA ILE B 122 29.75 -18.81 -22.31
C ILE B 122 29.90 -17.30 -22.16
N ASP B 123 28.98 -16.69 -21.42
CA ASP B 123 29.05 -15.27 -21.13
C ASP B 123 29.79 -15.06 -19.81
N GLN B 124 30.38 -13.88 -19.63
CA GLN B 124 31.09 -13.58 -18.39
C GLN B 124 30.34 -12.53 -17.56
N LEU B 125 30.57 -12.55 -16.26
CA LEU B 125 29.96 -11.57 -15.36
C LEU B 125 30.76 -10.27 -15.36
N THR B 126 30.33 -9.31 -16.17
CA THR B 126 31.00 -8.02 -16.24
C THR B 126 30.26 -6.99 -15.38
N GLU B 127 30.32 -7.20 -14.07
CA GLU B 127 29.67 -6.29 -13.13
C GLU B 127 30.50 -5.05 -12.90
N PRO B 128 29.84 -3.92 -12.62
CA PRO B 128 30.56 -2.68 -12.28
C PRO B 128 31.55 -2.92 -11.15
N LYS B 129 32.81 -2.57 -11.37
CA LYS B 129 33.81 -2.70 -10.33
C LYS B 129 34.05 -1.36 -9.66
N VAL B 130 33.45 -1.17 -8.48
CA VAL B 130 33.52 0.10 -7.78
C VAL B 130 33.35 -0.09 -6.28
N ASN B 131 33.87 0.87 -5.50
CA ASN B 131 33.77 0.80 -4.05
C ASN B 131 32.41 1.28 -3.55
N LEU B 132 31.62 0.35 -3.01
CA LEU B 132 30.32 0.69 -2.46
C LEU B 132 30.48 1.32 -1.08
N SER B 133 30.51 2.64 -1.05
CA SER B 133 30.73 3.40 0.17
C SER B 133 29.65 3.15 1.22
N VAL B 134 28.43 2.87 0.78
CA VAL B 134 27.32 2.65 1.70
C VAL B 134 26.58 1.35 1.41
N THR B 135 26.44 0.51 2.42
CA THR B 135 25.70 -0.73 2.29
C THR B 135 24.80 -0.93 3.50
N PHE B 136 23.63 -1.50 3.27
CA PHE B 136 22.70 -1.81 4.35
C PHE B 136 21.84 -3.02 3.99
N THR B 137 21.33 -3.70 5.00
CA THR B 137 20.51 -4.88 4.79
C THR B 137 19.13 -4.70 5.40
N THR B 138 18.11 -5.06 4.64
CA THR B 138 16.73 -4.89 5.10
C THR B 138 15.84 -5.97 4.49
N ASP B 139 14.70 -6.21 5.14
CA ASP B 139 13.72 -7.14 4.60
C ASP B 139 13.12 -6.55 3.33
N GLY B 140 12.87 -7.41 2.34
CA GLY B 140 12.35 -6.97 1.05
C GLY B 140 10.98 -6.33 1.14
N ASP B 141 10.24 -6.66 2.20
CA ASP B 141 8.91 -6.11 2.39
C ASP B 141 8.97 -4.59 2.59
N VAL B 142 10.03 -4.12 3.23
CA VAL B 142 10.23 -2.70 3.43
C VAL B 142 10.47 -1.99 2.11
N LEU B 143 11.38 -2.55 1.31
CA LEU B 143 11.70 -1.97 0.01
C LEU B 143 10.47 -1.94 -0.90
N LYS B 144 9.60 -2.93 -0.76
CA LYS B 144 8.39 -2.99 -1.55
C LYS B 144 7.40 -1.91 -1.12
N ASP B 145 7.35 -1.64 0.18
CA ASP B 145 6.51 -0.57 0.71
C ASP B 145 7.00 0.78 0.19
N ILE B 146 8.32 0.98 0.23
CA ILE B 146 8.92 2.22 -0.27
C ILE B 146 8.68 2.35 -1.77
N ALA B 147 8.61 1.22 -2.47
CA ALA B 147 8.27 1.22 -3.89
C ALA B 147 6.87 1.78 -4.07
N ARG B 148 5.95 1.32 -3.25
CA ARG B 148 4.58 1.82 -3.27
C ARG B 148 4.56 3.32 -2.99
N ASP B 149 5.38 3.76 -2.04
CA ASP B 149 5.49 5.17 -1.72
C ASP B 149 5.91 5.97 -2.95
N LEU B 150 7.01 5.55 -3.57
CA LEU B 150 7.56 6.24 -4.73
C LEU B 150 6.56 6.27 -5.89
N SER B 151 5.62 5.33 -5.87
CA SER B 151 4.60 5.26 -6.91
C SER B 151 3.68 6.48 -6.90
N LEU B 152 3.59 7.14 -5.74
CA LEU B 152 2.66 8.25 -5.57
C LEU B 152 3.27 9.58 -5.98
N VAL B 153 4.59 9.69 -5.90
CA VAL B 153 5.27 10.94 -6.21
C VAL B 153 6.75 10.72 -6.55
N GLY B 154 7.25 11.50 -7.49
CA GLY B 154 8.66 11.48 -7.82
C GLY B 154 8.97 11.10 -9.26
N GLU B 155 10.02 11.73 -9.80
CA GLU B 155 10.52 11.39 -11.13
C GLU B 155 11.89 10.77 -10.97
N GLU B 156 12.62 11.24 -9.96
CA GLU B 156 13.94 10.71 -9.65
C GLU B 156 14.03 10.46 -8.15
N VAL B 157 14.79 9.44 -7.76
CA VAL B 157 14.97 9.13 -6.35
C VAL B 157 16.38 9.45 -5.90
N GLU B 158 16.52 10.41 -5.00
CA GLU B 158 17.81 10.74 -4.42
C GLU B 158 18.02 10.00 -3.11
N ILE B 159 18.95 9.06 -3.12
CA ILE B 159 19.28 8.30 -1.90
C ILE B 159 20.65 8.73 -1.37
N SER B 160 20.68 9.08 -0.08
CA SER B 160 21.91 9.49 0.56
C SER B 160 22.01 8.89 1.96
N ALA B 161 23.17 9.03 2.58
CA ALA B 161 23.37 8.48 3.93
C ALA B 161 24.47 9.22 4.67
N ASP B 162 24.14 9.67 5.88
CA ASP B 162 25.14 10.30 6.74
C ASP B 162 25.82 9.24 7.60
N GLU B 163 26.10 9.58 8.85
CA GLU B 163 26.81 8.68 9.74
C GLU B 163 26.03 7.39 10.00
N ASN B 164 24.72 7.52 10.24
CA ASN B 164 23.91 6.36 10.60
C ASN B 164 22.44 6.47 10.19
N THR B 165 22.18 7.13 9.08
CA THR B 165 20.82 7.27 8.57
C THR B 165 20.81 7.28 7.04
N VAL B 166 19.94 6.46 6.46
CA VAL B 166 19.78 6.43 5.01
C VAL B 166 18.47 7.12 4.62
N THR B 167 18.55 8.05 3.69
CA THR B 167 17.37 8.82 3.28
C THR B 167 17.06 8.66 1.80
N LEU B 168 15.77 8.53 1.49
CA LEU B 168 15.32 8.51 0.10
C LEU B 168 14.35 9.66 -0.16
N SER B 169 14.65 10.48 -1.15
CA SER B 169 13.87 11.69 -1.41
C SER B 169 13.43 11.81 -2.87
N THR B 170 12.22 12.32 -3.07
CA THR B 170 11.72 12.61 -4.41
C THR B 170 10.86 13.87 -4.40
N GLU B 171 10.74 14.50 -5.56
CA GLU B 171 9.89 15.68 -5.72
C GLU B 171 9.11 15.61 -7.03
N GLU B 172 7.91 16.19 -7.03
CA GLU B 172 7.10 16.23 -8.24
C GLU B 172 5.94 17.22 -8.11
N ALA B 173 6.00 18.30 -8.88
CA ALA B 173 4.92 19.27 -8.96
C ALA B 173 4.45 19.75 -7.58
N GLY B 174 5.41 20.07 -6.72
CA GLY B 174 5.09 20.59 -5.40
C GLY B 174 5.04 19.52 -4.33
N ARG B 175 4.58 18.33 -4.70
CA ARG B 175 4.54 17.21 -3.76
C ARG B 175 5.95 16.72 -3.43
N THR B 176 6.09 16.10 -2.27
CA THR B 176 7.41 15.68 -1.79
C THR B 176 7.33 14.40 -0.97
N TYR B 177 8.38 13.58 -1.09
CA TYR B 177 8.48 12.36 -0.30
C TYR B 177 9.88 12.23 0.28
N LYS B 178 9.96 11.66 1.47
CA LYS B 178 11.24 11.53 2.18
C LYS B 178 11.13 10.51 3.30
N SER B 179 11.73 9.35 3.10
CA SER B 179 11.73 8.31 4.14
C SER B 179 13.11 8.17 4.78
N LEU B 180 13.12 7.68 6.01
CA LEU B 180 14.37 7.54 6.75
C LEU B 180 14.58 6.11 7.24
N LEU B 181 15.67 5.50 6.80
CA LEU B 181 16.01 4.16 7.22
C LEU B 181 17.19 4.19 8.20
N LYS B 182 16.92 3.78 9.44
CA LYS B 182 17.95 3.70 10.45
C LYS B 182 18.15 2.25 10.86
N GLN B 183 19.19 1.97 11.62
CA GLN B 183 19.44 0.61 12.07
C GLN B 183 18.39 0.17 13.09
N ASP B 184 17.99 -1.09 13.00
CA ASP B 184 16.94 -1.62 13.86
C ASP B 184 15.58 -0.98 13.55
N LYS B 185 15.55 -0.16 12.50
CA LYS B 185 14.31 0.49 12.08
C LYS B 185 14.42 1.06 10.67
N PRO B 186 14.29 0.20 9.65
CA PRO B 186 14.12 -1.25 9.77
C PRO B 186 15.43 -1.99 9.52
N LEU B 187 16.46 -1.26 9.08
CA LEU B 187 17.72 -1.85 8.67
C LEU B 187 18.26 -2.89 9.66
N LYS B 188 18.52 -4.10 9.15
CA LYS B 188 19.13 -5.14 9.96
C LYS B 188 20.61 -4.87 10.16
N SER B 189 21.19 -4.12 9.22
CA SER B 189 22.58 -3.68 9.35
C SER B 189 22.84 -2.48 8.45
N LEU B 190 23.75 -1.61 8.87
CA LEU B 190 24.09 -0.42 8.10
C LEU B 190 25.57 -0.12 8.24
N ASN B 191 26.26 -0.02 7.11
CA ASN B 191 27.69 0.26 7.10
C ASN B 191 28.02 1.45 6.20
N VAL B 192 28.41 2.56 6.82
CA VAL B 192 28.73 3.77 6.07
C VAL B 192 30.23 4.09 6.18
N GLU B 193 30.95 3.92 5.08
CA GLU B 193 32.37 4.25 5.03
C GLU B 193 32.55 5.76 4.97
N SER B 194 31.60 6.44 4.34
CA SER B 194 31.62 7.89 4.24
C SER B 194 30.31 8.40 3.65
N PRO B 195 29.89 9.62 4.05
CA PRO B 195 28.66 10.24 3.55
C PRO B 195 28.58 10.17 2.02
N SER B 196 27.56 9.48 1.51
CA SER B 196 27.41 9.29 0.07
C SER B 196 26.02 9.69 -0.40
N LYS B 197 25.90 9.99 -1.69
CA LYS B 197 24.64 10.41 -2.28
C LYS B 197 24.60 10.10 -3.77
N ALA B 198 23.43 9.68 -4.25
CA ALA B 198 23.26 9.36 -5.66
C ALA B 198 21.78 9.39 -6.05
N VAL B 199 21.53 9.44 -7.36
CA VAL B 199 20.16 9.52 -7.88
C VAL B 199 19.91 8.42 -8.91
N TYR B 200 18.77 7.75 -8.78
CA TYR B 200 18.44 6.65 -9.68
C TYR B 200 17.02 6.79 -10.24
N SER B 201 16.77 6.16 -11.37
CA SER B 201 15.45 6.17 -11.99
C SER B 201 14.41 5.57 -11.05
N ILE B 202 13.38 6.36 -10.74
CA ILE B 202 12.33 5.91 -9.85
C ILE B 202 11.57 4.73 -10.47
N GLU B 203 11.49 4.72 -11.80
CA GLU B 203 10.77 3.67 -12.51
C GLU B 203 11.48 2.32 -12.36
N VAL B 204 12.79 2.32 -12.60
CA VAL B 204 13.58 1.11 -12.46
C VAL B 204 13.66 0.67 -11.00
N LEU B 205 13.94 1.63 -10.13
CA LEU B 205 14.08 1.35 -8.70
C LEU B 205 12.81 0.68 -8.16
N LYS B 206 11.66 1.22 -8.56
CA LYS B 206 10.37 0.66 -8.16
C LYS B 206 10.26 -0.81 -8.55
N ASP B 207 10.48 -1.10 -9.83
CA ASP B 207 10.37 -2.45 -10.35
C ASP B 207 11.27 -3.42 -9.60
N VAL B 208 12.47 -2.97 -9.26
CA VAL B 208 13.44 -3.81 -8.57
C VAL B 208 13.02 -4.06 -7.12
N PHE B 209 12.68 -2.99 -6.41
CA PHE B 209 12.29 -3.09 -5.02
C PHE B 209 11.11 -4.03 -4.79
N LYS B 210 10.16 -4.02 -5.74
CA LYS B 210 9.00 -4.91 -5.64
C LYS B 210 9.44 -6.37 -5.67
N VAL B 211 10.52 -6.67 -6.39
CA VAL B 211 10.99 -8.03 -6.54
C VAL B 211 11.79 -8.51 -5.33
N THR B 212 12.50 -7.60 -4.70
CA THR B 212 13.34 -7.94 -3.54
C THR B 212 12.51 -8.47 -2.38
N SER B 213 11.19 -8.37 -2.49
CA SER B 213 10.30 -8.82 -1.42
C SER B 213 10.38 -10.33 -1.21
N ILE B 214 11.02 -11.03 -2.14
CA ILE B 214 11.16 -12.47 -2.06
C ILE B 214 12.26 -12.87 -1.07
N SER B 215 12.89 -11.88 -0.47
CA SER B 215 13.97 -12.12 0.48
C SER B 215 13.81 -11.32 1.76
N GLN B 216 14.25 -11.88 2.88
CA GLN B 216 14.21 -11.18 4.16
C GLN B 216 15.56 -10.53 4.45
N ASN B 217 16.54 -10.80 3.59
CA ASN B 217 17.88 -10.25 3.77
C ASN B 217 18.42 -9.61 2.51
N VAL B 218 17.74 -8.57 2.04
CA VAL B 218 18.16 -7.84 0.85
C VAL B 218 19.27 -6.86 1.19
N THR B 219 20.35 -6.92 0.43
CA THR B 219 21.49 -6.02 0.65
C THR B 219 21.56 -4.97 -0.44
N VAL B 220 21.59 -3.70 -0.03
CA VAL B 220 21.70 -2.60 -0.97
C VAL B 220 22.98 -1.83 -0.73
N GLY B 221 23.73 -1.60 -1.81
CA GLY B 221 24.97 -0.85 -1.73
C GLY B 221 25.03 0.22 -2.79
N PHE B 222 25.71 1.32 -2.48
CA PHE B 222 25.88 2.41 -3.43
C PHE B 222 26.94 3.38 -2.93
N GLY B 223 27.25 4.38 -3.75
CA GLY B 223 28.22 5.40 -3.39
C GLY B 223 28.00 6.66 -4.19
N ASN B 224 28.91 7.62 -4.05
CA ASN B 224 28.79 8.89 -4.76
C ASN B 224 28.74 8.71 -6.27
N ASN B 225 27.53 8.80 -6.82
CA ASN B 225 27.31 8.74 -8.26
C ASN B 225 27.88 7.49 -8.92
N ILE B 226 27.73 6.36 -8.25
CA ILE B 226 28.10 5.06 -8.81
C ILE B 226 26.88 4.16 -8.86
N PRO B 227 26.91 3.13 -9.71
CA PRO B 227 25.76 2.22 -9.82
C PRO B 227 25.39 1.63 -8.46
N MET B 228 24.11 1.36 -8.26
CA MET B 228 23.62 0.75 -7.03
C MET B 228 23.53 -0.76 -7.19
N LYS B 229 23.97 -1.49 -6.17
CA LYS B 229 23.93 -2.95 -6.19
C LYS B 229 22.88 -3.48 -5.23
N ILE B 230 22.04 -4.39 -5.72
CA ILE B 230 20.99 -4.98 -4.89
C ILE B 230 21.05 -6.50 -4.91
N GLU B 231 21.34 -7.10 -3.76
CA GLU B 231 21.46 -8.55 -3.65
C GLU B 231 20.22 -9.15 -3.00
N VAL B 232 19.61 -10.11 -3.68
CA VAL B 232 18.42 -10.78 -3.17
C VAL B 232 18.68 -12.27 -2.98
N PRO B 233 19.20 -12.65 -1.80
CA PRO B 233 19.55 -14.04 -1.47
C PRO B 233 18.34 -14.90 -1.13
N THR B 234 18.53 -16.21 -1.13
CA THR B 234 17.51 -17.15 -0.67
C THR B 234 18.12 -18.07 0.37
N ASP B 235 17.28 -18.74 1.14
CA ASP B 235 17.75 -19.66 2.18
C ASP B 235 18.60 -20.76 1.59
N SER B 236 18.30 -21.14 0.34
CA SER B 236 18.98 -22.26 -0.30
C SER B 236 20.28 -21.86 -1.01
N GLY B 237 20.57 -20.56 -1.03
CA GLY B 237 21.82 -20.09 -1.60
C GLY B 237 21.68 -19.31 -2.90
N GLY B 238 20.60 -19.58 -3.63
CA GLY B 238 20.33 -18.87 -4.87
C GLY B 238 20.29 -17.37 -4.62
N GLN B 239 20.61 -16.59 -5.65
CA GLN B 239 20.75 -15.15 -5.45
C GLN B 239 20.48 -14.34 -6.72
N LEU B 240 19.68 -13.29 -6.58
CA LEU B 240 19.50 -12.32 -7.64
C LEU B 240 20.39 -11.11 -7.39
N ILE B 241 20.94 -10.54 -8.45
CA ILE B 241 21.74 -9.33 -8.34
C ILE B 241 21.22 -8.29 -9.32
N PHE B 242 21.03 -7.07 -8.83
CA PHE B 242 20.62 -5.97 -9.70
C PHE B 242 21.63 -4.84 -9.64
N TRP B 243 22.04 -4.37 -10.81
CA TRP B 243 22.87 -3.18 -10.90
C TRP B 243 22.08 -2.08 -11.60
N ILE B 244 21.97 -0.94 -10.93
CA ILE B 244 21.21 0.18 -11.48
C ILE B 244 22.14 1.39 -11.69
N ALA B 245 22.23 1.84 -12.94
CA ALA B 245 23.07 2.99 -13.27
C ALA B 245 22.46 4.28 -12.75
N PRO B 246 23.31 5.18 -12.24
CA PRO B 246 22.88 6.45 -11.64
C PRO B 246 22.53 7.51 -12.69
N ARG B 247 21.74 8.50 -12.30
CA ARG B 247 21.55 9.68 -13.12
C ARG B 247 22.61 10.71 -12.75
N LEU B 248 23.38 11.14 -13.74
CA LEU B 248 24.46 12.10 -13.50
C LEU B 248 24.11 13.48 -14.05
S SO4 C . -12.01 3.78 -0.92
O1 SO4 C . -12.48 3.06 -2.11
O2 SO4 C . -12.93 4.88 -0.63
O3 SO4 C . -11.97 2.86 0.22
O4 SO4 C . -10.69 4.32 -1.17
S SO4 D . -22.85 14.53 -6.08
O1 SO4 D . -24.17 13.93 -6.24
O2 SO4 D . -22.96 15.74 -5.26
O3 SO4 D . -21.96 13.58 -5.42
O4 SO4 D . -22.31 14.88 -7.39
S SO4 E . -36.10 3.79 -6.77
O1 SO4 E . -35.25 3.04 -7.69
O2 SO4 E . -37.50 3.62 -7.15
O3 SO4 E . -35.91 3.31 -5.40
O4 SO4 E . -35.76 5.21 -6.83
#